data_3R3R
#
_entry.id   3R3R
#
_cell.length_a   99.43
_cell.length_b   99.43
_cell.length_c   46.66
_cell.angle_alpha   90.0
_cell.angle_beta   90.0
_cell.angle_gamma   120.0
#
_symmetry.space_group_name_H-M   'H 3'
#
loop_
_entity.id
_entity.type
_entity.pdbx_description
1 polymer 'ferripyochelin binding protein'
2 non-polymer 'ZINC ION'
3 water water
#
_entity_poly.entity_id   1
_entity_poly.type   'polypeptide(L)'
_entity_poly.pdbx_seq_one_letter_code
;SNAMSDTLRPYKNLFPGIGQRVMIDTSSVVIGDVRLADDVGIWPLVVIRGDVNYVAIGARTNIQDGSVLHVTHKSSSNPH
GNPLIIGEDVTVGHKVMLHGCTIGNRVLVGMGSIVLDGAIIEDDVMIGAGSLVPQHKRLESGYLYLGSPVKQIRPLSDAE
RSGLQYSANNYVKWKDDYLSQDNHIQP
;
_entity_poly.pdbx_strand_id   A
#
# COMPACT_ATOMS: atom_id res chain seq x y z
N SER A 1 -19.39 -10.01 -2.50
CA SER A 1 -20.30 -11.15 -2.55
C SER A 1 -21.01 -11.29 -3.91
N ASN A 2 -22.09 -12.09 -3.93
CA ASN A 2 -22.80 -12.38 -5.18
C ASN A 2 -23.77 -11.28 -5.63
N ALA A 3 -24.26 -10.47 -4.71
CA ALA A 3 -25.18 -9.40 -5.06
C ALA A 3 -24.58 -8.02 -4.78
N MET A 4 -23.65 -7.95 -3.84
CA MET A 4 -23.01 -6.70 -3.43
C MET A 4 -22.02 -6.24 -4.50
N SER A 5 -22.31 -5.11 -5.14
CA SER A 5 -21.45 -4.61 -6.22
C SER A 5 -20.90 -3.22 -5.95
N ASP A 6 -21.09 -2.71 -4.74
CA ASP A 6 -20.56 -1.40 -4.39
C ASP A 6 -19.03 -1.40 -4.38
N THR A 7 -18.44 -0.23 -4.61
CA THR A 7 -16.99 -0.05 -4.49
C THR A 7 -16.55 -0.18 -3.02
N LEU A 8 -17.29 0.45 -2.11
CA LEU A 8 -17.05 0.31 -0.67
C LEU A 8 -18.04 -0.69 -0.08
N ARG A 9 -17.54 -1.69 0.64
CA ARG A 9 -18.35 -2.83 1.05
C ARG A 9 -18.14 -3.18 2.50
N PRO A 10 -19.17 -3.75 3.12
CA PRO A 10 -19.08 -4.18 4.52
C PRO A 10 -18.48 -5.59 4.69
N TYR A 11 -17.94 -5.85 5.85
CA TYR A 11 -17.69 -7.20 6.31
C TYR A 11 -18.13 -7.21 7.75
N LYS A 12 -19.08 -8.09 8.09
CA LYS A 12 -19.72 -8.02 9.43
CA LYS A 12 -19.72 -8.02 9.43
C LYS A 12 -20.10 -6.56 9.78
N ASN A 13 -19.60 -5.98 10.85
CA ASN A 13 -19.91 -4.61 11.23
C ASN A 13 -18.85 -3.59 10.83
N LEU A 14 -17.90 -4.02 10.00
CA LEU A 14 -16.79 -3.19 9.56
C LEU A 14 -17.12 -2.53 8.22
N PHE A 15 -16.65 -1.30 8.02
CA PHE A 15 -16.90 -0.57 6.79
C PHE A 15 -15.76 0.42 6.61
N PRO A 16 -15.41 0.74 5.35
CA PRO A 16 -14.24 1.61 5.21
C PRO A 16 -14.44 3.02 5.80
N GLY A 17 -13.35 3.57 6.34
CA GLY A 17 -13.33 4.93 6.85
C GLY A 17 -12.47 5.79 5.94
N ILE A 18 -13.02 6.90 5.45
CA ILE A 18 -12.43 7.65 4.34
C ILE A 18 -12.20 9.09 4.76
N GLY A 19 -10.98 9.58 4.58
CA GLY A 19 -10.66 10.97 4.84
C GLY A 19 -11.05 11.91 3.71
N GLN A 20 -10.33 13.02 3.60
CA GLN A 20 -10.68 14.02 2.60
C GLN A 20 -9.85 13.89 1.33
N ARG A 21 -10.47 14.25 0.20
CA ARG A 21 -9.85 14.24 -1.12
C ARG A 21 -9.31 12.84 -1.45
N VAL A 22 -10.03 11.81 -1.05
CA VAL A 22 -9.63 10.44 -1.36
C VAL A 22 -10.24 10.02 -2.69
N MET A 23 -9.41 9.45 -3.57
CA MET A 23 -9.94 8.86 -4.79
C MET A 23 -10.02 7.34 -4.61
N ILE A 24 -11.19 6.76 -4.85
CA ILE A 24 -11.31 5.31 -4.93
C ILE A 24 -11.93 4.98 -6.28
N ASP A 25 -11.16 4.40 -7.17
CA ASP A 25 -11.68 4.16 -8.51
C ASP A 25 -12.95 3.33 -8.44
N THR A 26 -13.89 3.62 -9.31
CA THR A 26 -15.16 2.90 -9.32
C THR A 26 -14.95 1.42 -9.62
N SER A 27 -13.84 1.07 -10.26
CA SER A 27 -13.59 -0.33 -10.64
C SER A 27 -12.88 -1.13 -9.53
N SER A 28 -12.57 -0.44 -8.44
CA SER A 28 -11.85 -1.06 -7.35
C SER A 28 -12.80 -1.57 -6.27
N VAL A 29 -12.29 -2.37 -5.36
CA VAL A 29 -13.12 -3.08 -4.39
C VAL A 29 -12.44 -2.91 -3.03
N VAL A 30 -13.13 -2.23 -2.12
CA VAL A 30 -12.57 -1.91 -0.81
C VAL A 30 -13.55 -2.42 0.25
N ILE A 31 -13.13 -3.41 1.02
CA ILE A 31 -14.01 -4.16 1.89
C ILE A 31 -13.61 -4.06 3.36
N GLY A 32 -14.58 -3.78 4.22
CA GLY A 32 -14.36 -3.96 5.63
C GLY A 32 -13.60 -2.82 6.29
N ASP A 33 -12.71 -3.18 7.21
CA ASP A 33 -12.04 -2.20 8.04
C ASP A 33 -10.79 -1.69 7.32
N VAL A 34 -11.03 -0.81 6.35
CA VAL A 34 -9.97 -0.18 5.57
C VAL A 34 -10.05 1.31 5.87
N ARG A 35 -8.97 1.85 6.39
CA ARG A 35 -8.91 3.22 6.88
C ARG A 35 -8.02 4.00 5.92
N LEU A 36 -8.60 4.90 5.15
CA LEU A 36 -7.86 5.64 4.12
C LEU A 36 -7.76 7.08 4.57
N ALA A 37 -6.54 7.53 4.82
CA ALA A 37 -6.29 8.90 5.24
C ALA A 37 -6.42 9.89 4.08
N ASP A 38 -6.34 11.18 4.41
CA ASP A 38 -6.45 12.23 3.41
C ASP A 38 -5.54 12.02 2.22
N ASP A 39 -6.04 12.34 1.03
CA ASP A 39 -5.24 12.39 -0.19
C ASP A 39 -4.73 11.03 -0.66
N VAL A 40 -5.29 9.95 -0.14
CA VAL A 40 -5.00 8.62 -0.65
C VAL A 40 -5.65 8.44 -2.03
N GLY A 41 -4.93 7.79 -2.94
CA GLY A 41 -5.49 7.45 -4.24
C GLY A 41 -5.46 5.96 -4.44
N ILE A 42 -6.63 5.38 -4.70
CA ILE A 42 -6.78 3.96 -5.02
C ILE A 42 -7.15 3.88 -6.50
N TRP A 43 -6.21 3.35 -7.28
CA TRP A 43 -6.27 3.38 -8.73
C TRP A 43 -7.12 2.19 -9.28
N PRO A 44 -7.30 2.09 -10.60
CA PRO A 44 -8.21 1.04 -11.11
C PRO A 44 -7.84 -0.40 -10.79
N LEU A 45 -8.88 -1.21 -10.66
CA LEU A 45 -8.77 -2.66 -10.49
C LEU A 45 -7.84 -3.03 -9.33
N VAL A 46 -8.04 -2.36 -8.19
CA VAL A 46 -7.36 -2.70 -6.95
C VAL A 46 -8.35 -3.39 -6.03
N VAL A 47 -7.89 -4.38 -5.27
CA VAL A 47 -8.67 -4.94 -4.16
C VAL A 47 -7.99 -4.63 -2.84
N ILE A 48 -8.73 -4.08 -1.88
CA ILE A 48 -8.22 -3.91 -0.51
C ILE A 48 -9.24 -4.58 0.38
N ARG A 49 -8.85 -5.71 1.00
CA ARG A 49 -9.80 -6.52 1.74
C ARG A 49 -9.41 -6.58 3.22
N GLY A 50 -10.06 -5.74 4.01
CA GLY A 50 -9.80 -5.66 5.44
C GLY A 50 -10.87 -6.39 6.22
N ASP A 51 -11.03 -7.68 5.95
CA ASP A 51 -12.09 -8.43 6.62
C ASP A 51 -11.63 -9.14 7.89
N VAL A 52 -10.66 -10.02 7.78
CA VAL A 52 -10.17 -10.79 8.92
C VAL A 52 -9.13 -10.00 9.73
N ASN A 53 -8.75 -8.83 9.22
CA ASN A 53 -7.91 -7.91 9.98
C ASN A 53 -8.01 -6.54 9.30
N TYR A 54 -7.49 -5.50 9.93
CA TYR A 54 -7.63 -4.16 9.38
C TYR A 54 -6.50 -3.79 8.43
N VAL A 55 -6.80 -2.79 7.60
CA VAL A 55 -5.84 -2.16 6.70
C VAL A 55 -5.87 -0.66 6.98
N ALA A 56 -4.70 -0.08 7.29
CA ALA A 56 -4.59 1.37 7.55
C ALA A 56 -3.62 1.95 6.57
N ILE A 57 -4.06 2.97 5.82
CA ILE A 57 -3.24 3.58 4.77
C ILE A 57 -3.11 5.07 5.06
N GLY A 58 -1.87 5.53 5.24
CA GLY A 58 -1.59 6.89 5.64
C GLY A 58 -1.76 7.92 4.53
N ALA A 59 -1.71 9.18 4.92
CA ALA A 59 -2.02 10.29 4.02
C ALA A 59 -1.09 10.35 2.80
N ARG A 60 -1.67 10.73 1.66
CA ARG A 60 -0.91 11.00 0.44
C ARG A 60 -0.23 9.76 -0.11
N THR A 61 -0.82 8.60 0.17
CA THR A 61 -0.30 7.34 -0.35
C THR A 61 -1.12 6.86 -1.53
N ASN A 62 -0.43 6.38 -2.57
CA ASN A 62 -1.08 5.83 -3.74
C ASN A 62 -0.96 4.31 -3.76
N ILE A 63 -2.07 3.67 -4.09
CA ILE A 63 -2.11 2.25 -4.31
C ILE A 63 -2.46 2.04 -5.79
N GLN A 64 -1.46 1.63 -6.56
CA GLN A 64 -1.60 1.65 -8.01
C GLN A 64 -2.32 0.43 -8.59
N ASP A 65 -2.63 0.58 -9.87
CA ASP A 65 -3.57 -0.28 -10.59
C ASP A 65 -3.21 -1.74 -10.45
N GLY A 66 -4.21 -2.58 -10.22
CA GLY A 66 -4.00 -4.01 -10.20
C GLY A 66 -3.40 -4.58 -8.93
N SER A 67 -3.20 -3.75 -7.91
CA SER A 67 -2.67 -4.24 -6.64
C SER A 67 -3.72 -5.02 -5.85
N VAL A 68 -3.26 -5.92 -4.98
CA VAL A 68 -4.12 -6.61 -4.03
C VAL A 68 -3.50 -6.48 -2.65
N LEU A 69 -4.33 -6.07 -1.69
CA LEU A 69 -3.92 -5.85 -0.31
C LEU A 69 -4.79 -6.73 0.58
N HIS A 70 -4.16 -7.61 1.36
CA HIS A 70 -4.89 -8.44 2.30
C HIS A 70 -4.05 -8.64 3.58
N VAL A 71 -4.56 -9.49 4.47
CA VAL A 71 -4.15 -9.55 5.86
C VAL A 71 -4.35 -10.98 6.37
N THR A 72 -3.70 -11.32 7.49
CA THR A 72 -3.87 -12.64 8.09
C THR A 72 -4.78 -12.54 9.33
N HIS A 73 -5.66 -13.52 9.44
CA HIS A 73 -6.66 -13.59 10.51
C HIS A 73 -6.04 -13.82 11.89
N LYS A 74 -6.86 -13.58 12.89
CA LYS A 74 -6.46 -13.70 14.29
C LYS A 74 -6.80 -15.11 14.77
N SER A 75 -5.87 -15.75 15.45
CA SER A 75 -6.08 -17.10 15.92
C SER A 75 -5.20 -17.35 17.15
N SER A 76 -5.35 -18.52 17.76
CA SER A 76 -4.65 -18.81 19.01
C SER A 76 -3.14 -18.76 18.92
N SER A 77 -2.59 -19.17 17.78
CA SER A 77 -1.15 -19.10 17.55
C SER A 77 -0.67 -17.72 17.15
N ASN A 78 -1.61 -16.83 16.84
CA ASN A 78 -1.29 -15.50 16.35
C ASN A 78 -2.47 -14.57 16.71
N PRO A 79 -2.60 -14.19 17.98
CA PRO A 79 -3.81 -13.48 18.42
C PRO A 79 -4.07 -12.14 17.76
N HIS A 80 -3.02 -11.46 17.32
CA HIS A 80 -3.08 -10.16 16.65
CA HIS A 80 -3.28 -10.20 16.65
C HIS A 80 -3.36 -10.33 15.17
N GLY A 81 -3.15 -11.55 14.66
CA GLY A 81 -3.09 -11.74 13.21
C GLY A 81 -1.99 -10.88 12.61
N ASN A 82 -2.13 -10.56 11.32
CA ASN A 82 -1.21 -9.63 10.65
C ASN A 82 -2.03 -8.60 9.89
N PRO A 83 -2.24 -7.44 10.51
CA PRO A 83 -2.93 -6.36 9.79
C PRO A 83 -1.95 -5.75 8.78
N LEU A 84 -2.46 -4.87 7.94
CA LEU A 84 -1.65 -4.21 6.93
C LEU A 84 -1.59 -2.74 7.27
N ILE A 85 -0.38 -2.24 7.53
CA ILE A 85 -0.19 -0.87 7.99
C ILE A 85 0.74 -0.20 7.00
N ILE A 86 0.27 0.89 6.39
CA ILE A 86 1.05 1.59 5.38
C ILE A 86 1.10 3.06 5.77
N GLY A 87 2.29 3.66 5.73
CA GLY A 87 2.47 5.03 6.16
C GLY A 87 2.08 6.09 5.14
N GLU A 88 2.64 7.28 5.31
CA GLU A 88 2.35 8.46 4.51
C GLU A 88 3.32 8.59 3.34
N ASP A 89 2.86 9.19 2.24
CA ASP A 89 3.71 9.47 1.07
C ASP A 89 4.33 8.19 0.52
N VAL A 90 3.58 7.10 0.58
CA VAL A 90 4.03 5.81 0.05
C VAL A 90 3.53 5.64 -1.38
N THR A 91 4.39 5.08 -2.22
CA THR A 91 4.03 4.71 -3.58
C THR A 91 4.00 3.19 -3.68
N VAL A 92 2.80 2.63 -3.72
CA VAL A 92 2.64 1.20 -3.96
C VAL A 92 2.43 1.01 -5.47
N GLY A 93 3.43 0.42 -6.12
CA GLY A 93 3.43 0.31 -7.57
C GLY A 93 2.34 -0.57 -8.14
N HIS A 94 2.24 -0.54 -9.45
CA HIS A 94 1.20 -1.31 -10.13
C HIS A 94 1.35 -2.79 -9.79
N LYS A 95 0.24 -3.49 -9.66
CA LYS A 95 0.25 -4.95 -9.57
C LYS A 95 1.08 -5.45 -8.39
N VAL A 96 1.10 -4.69 -7.29
CA VAL A 96 1.80 -5.13 -6.09
C VAL A 96 0.88 -5.96 -5.20
N MET A 97 1.46 -6.99 -4.57
CA MET A 97 0.77 -7.82 -3.59
C MET A 97 1.30 -7.47 -2.21
N LEU A 98 0.45 -6.91 -1.34
CA LEU A 98 0.85 -6.62 0.05
C LEU A 98 0.02 -7.48 0.96
N HIS A 99 0.66 -8.18 1.88
CA HIS A 99 -0.07 -9.07 2.75
C HIS A 99 0.44 -8.95 4.17
N GLY A 100 -0.34 -8.35 5.07
CA GLY A 100 -0.06 -8.39 6.49
C GLY A 100 1.26 -7.78 6.92
N CYS A 101 1.74 -6.78 6.19
CA CYS A 101 3.05 -6.19 6.45
C CYS A 101 2.92 -4.77 7.00
N THR A 102 4.06 -4.19 7.38
CA THR A 102 4.11 -2.82 7.86
C THR A 102 5.06 -2.05 6.97
N ILE A 103 4.57 -0.93 6.42
CA ILE A 103 5.37 -0.10 5.55
C ILE A 103 5.40 1.30 6.16
N GLY A 104 6.59 1.86 6.29
CA GLY A 104 6.75 3.18 6.86
C GLY A 104 6.38 4.27 5.88
N ASN A 105 6.94 5.46 6.10
CA ASN A 105 6.66 6.62 5.28
C ASN A 105 7.67 6.76 4.14
N ARG A 106 7.23 7.30 3.00
CA ARG A 106 8.16 7.58 1.88
C ARG A 106 8.88 6.28 1.46
N VAL A 107 8.07 5.29 1.11
CA VAL A 107 8.57 4.02 0.58
C VAL A 107 8.00 3.87 -0.82
N LEU A 108 8.84 3.43 -1.74
CA LEU A 108 8.38 3.08 -3.09
CA LEU A 108 8.37 3.08 -3.07
C LEU A 108 8.50 1.55 -3.22
N VAL A 109 7.36 0.91 -3.45
CA VAL A 109 7.31 -0.53 -3.68
C VAL A 109 7.19 -0.76 -5.18
N GLY A 110 8.26 -1.25 -5.80
CA GLY A 110 8.27 -1.37 -7.24
C GLY A 110 7.19 -2.29 -7.79
N MET A 111 6.69 -1.95 -8.96
CA MET A 111 5.59 -2.67 -9.57
C MET A 111 5.85 -4.18 -9.62
N GLY A 112 4.81 -4.96 -9.40
CA GLY A 112 4.91 -6.40 -9.50
C GLY A 112 5.58 -7.08 -8.31
N SER A 113 5.88 -6.34 -7.25
CA SER A 113 6.50 -6.93 -6.06
C SER A 113 5.48 -7.57 -5.14
N ILE A 114 6.01 -8.39 -4.22
CA ILE A 114 5.23 -9.11 -3.21
C ILE A 114 5.88 -8.82 -1.86
N VAL A 115 5.07 -8.39 -0.87
CA VAL A 115 5.58 -8.15 0.48
C VAL A 115 4.70 -8.96 1.44
N LEU A 116 5.32 -9.83 2.24
CA LEU A 116 4.58 -10.83 3.01
C LEU A 116 4.42 -10.50 4.50
N ASP A 117 3.71 -11.38 5.18
CA ASP A 117 3.27 -11.05 6.53
CA ASP A 117 3.25 -11.15 6.55
C ASP A 117 4.39 -10.82 7.52
N GLY A 118 4.21 -9.80 8.34
CA GLY A 118 5.18 -9.47 9.36
C GLY A 118 6.41 -8.76 8.85
N ALA A 119 6.55 -8.61 7.53
CA ALA A 119 7.66 -7.81 7.04
C ALA A 119 7.51 -6.37 7.54
N ILE A 120 8.64 -5.71 7.78
CA ILE A 120 8.65 -4.33 8.24
C ILE A 120 9.58 -3.55 7.34
N ILE A 121 9.02 -2.62 6.58
CA ILE A 121 9.82 -1.79 5.69
C ILE A 121 9.93 -0.43 6.36
N GLU A 122 11.15 -0.04 6.70
CA GLU A 122 11.35 1.25 7.36
C GLU A 122 11.17 2.43 6.38
N ASP A 123 11.20 3.65 6.90
CA ASP A 123 10.99 4.84 6.08
C ASP A 123 12.09 4.97 5.02
N ASP A 124 11.79 5.67 3.93
CA ASP A 124 12.82 6.05 2.95
C ASP A 124 13.51 4.82 2.35
N VAL A 125 12.70 3.92 1.79
CA VAL A 125 13.20 2.69 1.20
C VAL A 125 12.64 2.56 -0.21
N MET A 126 13.48 2.05 -1.12
CA MET A 126 12.99 1.69 -2.44
CA MET A 126 13.05 1.72 -2.48
C MET A 126 13.15 0.21 -2.67
N ILE A 127 12.11 -0.40 -3.21
CA ILE A 127 12.12 -1.82 -3.58
C ILE A 127 11.98 -1.91 -5.10
N GLY A 128 12.90 -2.62 -5.74
CA GLY A 128 12.86 -2.74 -7.19
C GLY A 128 11.64 -3.51 -7.67
N ALA A 129 11.26 -3.29 -8.92
CA ALA A 129 10.17 -4.03 -9.54
C ALA A 129 10.39 -5.54 -9.45
N GLY A 130 9.31 -6.29 -9.28
CA GLY A 130 9.37 -7.74 -9.31
C GLY A 130 10.06 -8.39 -8.13
N SER A 131 10.15 -7.68 -7.00
CA SER A 131 10.84 -8.22 -5.83
C SER A 131 9.92 -9.02 -4.93
N LEU A 132 10.52 -9.77 -4.02
CA LEU A 132 9.76 -10.49 -3.01
C LEU A 132 10.39 -10.23 -1.65
N VAL A 133 9.59 -9.72 -0.72
CA VAL A 133 10.05 -9.47 0.64
C VAL A 133 9.43 -10.55 1.52
N PRO A 134 10.26 -11.49 2.04
N PRO A 134 10.26 -11.46 2.06
CA PRO A 134 9.76 -12.62 2.83
CA PRO A 134 9.68 -12.61 2.75
C PRO A 134 9.06 -12.23 4.12
C PRO A 134 9.10 -12.27 4.13
N GLN A 135 8.33 -13.18 4.68
CA GLN A 135 7.69 -12.98 5.98
C GLN A 135 8.72 -12.57 7.02
N HIS A 136 8.35 -11.58 7.83
CA HIS A 136 9.14 -11.14 8.99
C HIS A 136 10.44 -10.45 8.65
N LYS A 137 10.68 -10.18 7.37
CA LYS A 137 11.91 -9.49 6.97
C LYS A 137 11.84 -8.00 7.27
N ARG A 138 12.88 -7.46 7.92
CA ARG A 138 12.99 -6.02 8.17
C ARG A 138 13.90 -5.41 7.11
N LEU A 139 13.42 -4.35 6.44
CA LEU A 139 14.23 -3.62 5.47
C LEU A 139 14.64 -2.29 6.08
N GLU A 140 15.95 -2.12 6.22
CA GLU A 140 16.57 -0.97 6.85
C GLU A 140 16.36 0.32 6.04
N SER A 141 16.07 1.41 6.75
CA SER A 141 15.83 2.71 6.14
C SER A 141 17.01 3.20 5.29
N GLY A 142 16.71 3.78 4.12
CA GLY A 142 17.70 4.48 3.34
C GLY A 142 18.44 3.67 2.29
N TYR A 143 17.90 2.49 1.97
CA TYR A 143 18.53 1.57 1.03
C TYR A 143 17.59 1.14 -0.09
N LEU A 144 18.23 0.68 -1.18
CA LEU A 144 17.59 -0.01 -2.28
C LEU A 144 17.65 -1.51 -2.03
N TYR A 145 16.50 -2.17 -2.19
CA TYR A 145 16.40 -3.61 -2.10
CA TYR A 145 16.39 -3.61 -2.07
C TYR A 145 15.83 -4.13 -3.39
N LEU A 146 16.38 -5.23 -3.87
CA LEU A 146 15.74 -5.88 -5.01
CA LEU A 146 15.93 -5.82 -5.13
C LEU A 146 16.09 -7.34 -5.09
N GLY A 147 15.21 -8.06 -5.78
CA GLY A 147 15.37 -9.49 -5.95
C GLY A 147 14.26 -10.28 -5.31
N SER A 148 14.26 -11.58 -5.61
CA SER A 148 13.30 -12.53 -5.05
CA SER A 148 13.32 -12.53 -5.02
C SER A 148 14.06 -13.72 -4.43
N PRO A 149 14.28 -13.71 -3.10
CA PRO A 149 13.92 -12.67 -2.13
C PRO A 149 14.90 -11.48 -2.20
N VAL A 150 14.48 -10.36 -1.65
CA VAL A 150 15.29 -9.16 -1.80
C VAL A 150 16.65 -9.26 -1.13
N LYS A 151 17.60 -8.55 -1.71
CA LYS A 151 18.91 -8.31 -1.12
C LYS A 151 19.05 -6.80 -0.97
N GLN A 152 19.76 -6.37 0.06
CA GLN A 152 20.10 -4.97 0.22
C GLN A 152 21.21 -4.65 -0.75
N ILE A 153 20.97 -3.74 -1.70
CA ILE A 153 21.92 -3.50 -2.78
C ILE A 153 22.91 -2.40 -2.40
N ARG A 154 22.39 -1.27 -1.94
CA ARG A 154 23.23 -0.09 -1.69
C ARG A 154 22.37 1.01 -1.08
N PRO A 155 22.99 2.02 -0.46
CA PRO A 155 22.19 3.15 0.00
C PRO A 155 21.55 3.87 -1.17
N LEU A 156 20.39 4.46 -0.93
CA LEU A 156 19.76 5.35 -1.89
C LEU A 156 20.64 6.56 -2.09
N SER A 157 20.79 6.98 -3.34
CA SER A 157 21.44 8.25 -3.61
C SER A 157 20.55 9.37 -3.07
N ASP A 158 21.13 10.55 -2.91
CA ASP A 158 20.34 11.65 -2.42
C ASP A 158 19.20 12.01 -3.39
N ALA A 159 19.44 11.85 -4.69
CA ALA A 159 18.40 12.07 -5.69
C ALA A 159 17.27 11.05 -5.57
N GLU A 160 17.62 9.80 -5.30
CA GLU A 160 16.60 8.76 -5.11
C GLU A 160 15.78 9.00 -3.86
N ARG A 161 16.46 9.43 -2.79
CA ARG A 161 15.77 9.74 -1.56
C ARG A 161 14.72 10.83 -1.82
N SER A 162 15.13 11.91 -2.47
CA SER A 162 14.19 12.97 -2.82
CA SER A 162 14.19 12.97 -2.83
C SER A 162 13.09 12.44 -3.75
N GLY A 163 13.46 11.52 -4.65
CA GLY A 163 12.53 10.96 -5.60
C GLY A 163 11.36 10.24 -4.95
N LEU A 164 11.58 9.69 -3.75
CA LEU A 164 10.48 9.03 -3.03
C LEU A 164 9.37 10.04 -2.74
N GLN A 165 9.75 11.23 -2.29
CA GLN A 165 8.77 12.27 -2.02
C GLN A 165 8.13 12.80 -3.30
N TYR A 166 8.95 12.99 -4.33
CA TYR A 166 8.46 13.45 -5.63
CA TYR A 166 8.51 13.42 -5.66
C TYR A 166 7.40 12.51 -6.18
N SER A 167 7.62 11.20 -6.07
CA SER A 167 6.64 10.22 -6.53
C SER A 167 5.29 10.41 -5.82
N ALA A 168 5.33 10.52 -4.50
CA ALA A 168 4.10 10.69 -3.74
C ALA A 168 3.41 12.00 -4.15
N ASN A 169 4.19 13.06 -4.27
CA ASN A 169 3.66 14.37 -4.66
C ASN A 169 2.97 14.31 -6.03
N ASN A 170 3.63 13.65 -6.99
CA ASN A 170 3.07 13.52 -8.33
C ASN A 170 1.74 12.80 -8.28
N TYR A 171 1.69 11.72 -7.52
CA TYR A 171 0.46 10.92 -7.45
C TYR A 171 -0.69 11.63 -6.74
N VAL A 172 -0.38 12.51 -5.78
CA VAL A 172 -1.44 13.34 -5.21
C VAL A 172 -1.98 14.30 -6.29
N LYS A 173 -1.09 14.93 -7.04
CA LYS A 173 -1.51 15.81 -8.12
CA LYS A 173 -1.52 15.81 -8.13
C LYS A 173 -2.38 15.06 -9.15
N TRP A 174 -1.94 13.87 -9.53
CA TRP A 174 -2.65 13.11 -10.55
C TRP A 174 -4.01 12.65 -10.06
N LYS A 175 -4.11 12.16 -8.83
CA LYS A 175 -5.44 11.84 -8.32
C LYS A 175 -6.33 13.08 -8.26
N ASP A 176 -5.77 14.24 -7.93
CA ASP A 176 -6.55 15.47 -7.96
C ASP A 176 -7.04 15.85 -9.36
N ASP A 177 -6.27 15.52 -10.39
CA ASP A 177 -6.72 15.69 -11.77
C ASP A 177 -8.00 14.89 -12.00
N TYR A 178 -7.99 13.63 -11.60
CA TYR A 178 -9.18 12.81 -11.77
C TYR A 178 -10.36 13.29 -10.91
N LEU A 179 -10.09 13.67 -9.67
CA LEU A 179 -11.15 14.17 -8.82
C LEU A 179 -11.76 15.45 -9.39
N SER A 180 -10.94 16.28 -10.03
CA SER A 180 -11.43 17.53 -10.61
CA SER A 180 -11.42 17.53 -10.62
C SER A 180 -12.36 17.23 -11.77
N GLN A 181 -12.12 16.12 -12.47
CA GLN A 181 -12.99 15.70 -13.55
C GLN A 181 -14.37 15.31 -13.01
N ASP A 182 -14.39 14.70 -11.83
CA ASP A 182 -15.65 14.32 -11.18
C ASP A 182 -16.48 15.54 -10.80
N ASN A 183 -15.80 16.57 -10.28
CA ASN A 183 -16.48 17.77 -9.78
C ASN A 183 -16.96 18.69 -10.90
N HIS A 184 -16.83 18.23 -12.14
CA HIS A 184 -17.25 19.01 -13.29
C HIS A 184 -17.99 18.14 -14.30
#